data_1BEC
#
_entry.id   1BEC
#
_cell.length_a   100.600
_cell.length_b   36.600
_cell.length_c   71.500
_cell.angle_alpha   90.00
_cell.angle_beta   113.40
_cell.angle_gamma   90.00
#
_symmetry.space_group_name_H-M   'C 1 2 1'
#
loop_
_entity.id
_entity.type
_entity.pdbx_description
1 polymer '14.3.D T CELL ANTIGEN RECEPTOR'
2 water water
#
_entity_poly.entity_id   1
_entity_poly.type   'polypeptide(L)'
_entity_poly.pdbx_seq_one_letter_code
;AVTQSPRNKVAVTGGKVTLSCQQTNNHNNMYWYRQDTGHGLRLIHYSYGAGSTEKGDIPDGYKASRPSQEQFSLILELAT
PSQTSVYFCASGGGRGSYAEQFFGPGTRLTVLEDLRQVTPPKVSLFEPSKAEIANKQKATLVCLARGFFPDHVELSWWVN
GKEVHSGVSTDPQAYKESNYSYCLSSRLRVSATFWHNPRNHFRCQVQFHGLSEEDKWPEGSPKPVTQNISAEAWGRAD
;
_entity_poly.pdbx_strand_id   A
#
# COMPACT_ATOMS: atom_id res chain seq x y z
N ALA A 1 14.88 -14.08 -5.53
CA ALA A 1 13.81 -13.21 -5.01
C ALA A 1 14.37 -12.18 -4.05
N VAL A 2 13.56 -11.15 -3.87
CA VAL A 2 13.84 -10.05 -2.96
C VAL A 2 12.53 -9.90 -2.19
N THR A 3 12.64 -9.92 -0.86
CA THR A 3 11.52 -9.77 0.03
C THR A 3 11.80 -8.68 1.05
N GLN A 4 10.71 -8.11 1.53
CA GLN A 4 10.68 -7.02 2.49
C GLN A 4 9.72 -7.34 3.63
N SER A 5 10.14 -6.91 4.80
CA SER A 5 9.38 -7.11 6.03
C SER A 5 9.66 -5.86 6.88
N PRO A 6 8.61 -5.19 7.34
CA PRO A 6 7.21 -5.51 7.13
C PRO A 6 6.81 -5.00 5.76
N ARG A 7 5.62 -5.27 5.28
CA ARG A 7 5.07 -4.79 4.01
C ARG A 7 4.32 -3.50 4.30
N ASN A 8 3.84 -3.35 5.53
CA ASN A 8 3.10 -2.13 5.88
C ASN A 8 3.33 -1.80 7.34
N LYS A 9 3.54 -0.55 7.67
CA LYS A 9 3.81 -0.22 9.07
C LYS A 9 3.40 1.19 9.41
N VAL A 10 2.79 1.29 10.60
CA VAL A 10 2.45 2.59 11.13
C VAL A 10 3.37 2.70 12.36
N ALA A 11 3.97 3.85 12.51
CA ALA A 11 4.87 4.29 13.56
C ALA A 11 4.45 5.67 14.05
N VAL A 12 4.76 5.92 15.35
CA VAL A 12 4.44 7.18 15.96
C VAL A 12 5.74 7.97 15.89
N THR A 13 5.55 9.27 15.66
CA THR A 13 6.77 10.12 15.61
C THR A 13 7.70 9.90 16.82
N GLY A 14 8.97 9.74 16.56
CA GLY A 14 9.99 9.58 17.58
C GLY A 14 10.31 8.14 17.86
N GLY A 15 9.47 7.26 17.32
CA GLY A 15 9.70 5.81 17.50
C GLY A 15 10.80 5.32 16.55
N LYS A 16 11.24 4.13 16.89
CA LYS A 16 12.30 3.43 16.14
C LYS A 16 11.64 2.48 15.15
N VAL A 17 12.15 2.40 13.94
CA VAL A 17 11.60 1.52 12.90
C VAL A 17 12.74 0.80 12.17
N THR A 18 12.68 -0.49 11.98
CA THR A 18 13.60 -1.29 11.24
C THR A 18 12.86 -1.92 10.07
N LEU A 19 13.38 -1.73 8.85
CA LEU A 19 12.86 -2.32 7.59
C LEU A 19 13.88 -3.33 7.12
N SER A 20 13.54 -4.59 6.96
CA SER A 20 14.52 -5.56 6.53
C SER A 20 14.21 -6.01 5.08
N CYS A 21 15.28 -6.34 4.40
CA CYS A 21 15.21 -6.78 3.01
C CYS A 21 16.03 -8.06 2.94
N GLN A 22 15.53 -9.10 2.39
CA GLN A 22 16.25 -10.37 2.25
C GLN A 22 16.28 -10.74 0.78
N GLN A 23 17.37 -11.25 0.22
CA GLN A 23 17.36 -11.65 -1.20
C GLN A 23 17.83 -13.09 -1.33
N THR A 24 17.47 -13.83 -2.32
CA THR A 24 18.02 -15.19 -2.43
C THR A 24 18.87 -15.19 -3.68
N ASN A 25 19.27 -14.13 -4.34
CA ASN A 25 20.02 -14.05 -5.57
C ASN A 25 21.53 -14.11 -5.46
N ASN A 26 22.04 -14.21 -4.24
CA ASN A 26 23.48 -14.25 -4.00
C ASN A 26 24.18 -13.09 -4.66
N HIS A 27 23.51 -11.88 -4.71
CA HIS A 27 24.06 -10.67 -5.27
C HIS A 27 24.93 -9.97 -4.28
N ASN A 28 25.92 -9.28 -4.70
CA ASN A 28 26.78 -8.52 -3.79
C ASN A 28 26.26 -7.16 -3.35
N ASN A 29 25.55 -6.50 -4.25
CA ASN A 29 25.02 -5.19 -3.99
C ASN A 29 23.56 -5.24 -3.59
N MET A 30 23.32 -4.41 -2.59
CA MET A 30 21.93 -4.19 -2.14
C MET A 30 21.68 -2.67 -2.01
N TYR A 31 20.44 -2.23 -2.13
CA TYR A 31 20.01 -0.84 -2.10
C TYR A 31 18.74 -0.57 -1.37
N TRP A 32 18.61 0.61 -0.76
CA TRP A 32 17.34 0.99 -0.11
C TRP A 32 16.96 2.34 -0.74
N TYR A 33 15.77 2.36 -1.31
CA TYR A 33 15.22 3.56 -1.93
C TYR A 33 13.85 3.93 -1.35
N ARG A 34 13.45 5.20 -1.49
CA ARG A 34 12.13 5.65 -1.14
C ARG A 34 11.51 6.31 -2.41
N GLN A 35 10.22 6.20 -2.55
CA GLN A 35 9.48 6.78 -3.68
C GLN A 35 8.34 7.64 -3.09
N ASP A 36 8.45 8.92 -3.40
CA ASP A 36 7.46 9.88 -2.89
C ASP A 36 6.56 10.31 -4.06
N THR A 37 5.28 10.25 -3.74
CA THR A 37 4.22 10.58 -4.67
C THR A 37 4.49 11.97 -5.24
N GLY A 38 5.13 12.02 -6.39
CA GLY A 38 5.45 13.29 -7.04
C GLY A 38 6.91 13.31 -7.42
N HIS A 39 7.73 12.94 -6.48
CA HIS A 39 9.17 12.81 -6.53
C HIS A 39 9.56 11.49 -7.23
N GLY A 40 10.86 11.28 -7.43
CA GLY A 40 11.23 10.05 -8.09
C GLY A 40 11.58 9.03 -7.02
N LEU A 41 12.26 8.05 -7.52
CA LEU A 41 12.80 6.95 -6.68
C LEU A 41 14.18 7.46 -6.30
N ARG A 42 14.44 7.66 -5.00
CA ARG A 42 15.72 8.21 -4.55
C ARG A 42 16.44 7.19 -3.69
N LEU A 43 17.74 7.10 -3.81
CA LEU A 43 18.55 6.17 -3.08
C LEU A 43 18.99 6.75 -1.72
N ILE A 44 18.74 5.94 -0.71
CA ILE A 44 19.00 6.34 0.69
C ILE A 44 20.39 5.85 1.10
N HIS A 45 20.62 4.57 1.06
CA HIS A 45 21.82 3.83 1.38
C HIS A 45 21.90 2.59 0.48
N TYR A 46 23.14 2.20 0.28
CA TYR A 46 23.47 0.99 -0.47
C TYR A 46 24.67 0.32 0.20
N SER A 47 24.98 -0.85 -0.35
CA SER A 47 26.01 -1.74 0.05
C SER A 47 26.60 -2.56 -1.07
N TYR A 48 27.95 -2.60 -1.02
CA TYR A 48 28.73 -3.36 -1.97
C TYR A 48 29.06 -4.76 -1.49
N GLY A 49 28.69 -5.02 -0.25
CA GLY A 49 29.09 -6.37 0.25
C GLY A 49 28.76 -6.54 1.71
N ALA A 50 28.79 -7.80 2.10
CA ALA A 50 28.46 -8.15 3.48
C ALA A 50 29.34 -7.33 4.42
N GLY A 51 28.70 -6.73 5.40
CA GLY A 51 29.49 -5.94 6.34
C GLY A 51 29.84 -4.52 5.94
N SER A 52 29.40 -3.98 4.83
CA SER A 52 29.78 -2.57 4.56
C SER A 52 28.54 -1.90 3.97
N THR A 53 28.50 -0.61 4.12
CA THR A 53 27.39 0.19 3.62
C THR A 53 27.93 1.54 3.15
N GLU A 54 27.20 2.18 2.24
CA GLU A 54 27.60 3.51 1.77
C GLU A 54 26.34 4.39 1.72
N LYS A 55 26.58 5.67 1.93
CA LYS A 55 25.54 6.68 1.88
C LYS A 55 25.12 6.86 0.42
N GLY A 56 23.83 6.96 0.16
CA GLY A 56 23.33 7.18 -1.20
C GLY A 56 23.06 8.71 -1.32
N ASP A 57 21.98 9.11 -1.99
CA ASP A 57 21.66 10.50 -2.20
C ASP A 57 21.05 11.26 -1.04
N ILE A 58 20.19 10.57 -0.29
CA ILE A 58 19.51 11.15 0.86
C ILE A 58 19.64 10.32 2.11
N PRO A 59 20.82 10.17 2.69
CA PRO A 59 21.05 9.34 3.87
C PRO A 59 20.52 9.90 5.18
N ASP A 60 20.33 11.22 5.25
CA ASP A 60 19.90 11.87 6.48
C ASP A 60 18.68 11.27 7.15
N GLY A 61 18.93 10.88 8.39
CA GLY A 61 17.98 10.28 9.29
C GLY A 61 17.77 8.80 9.14
N TYR A 62 18.63 8.19 8.43
CA TYR A 62 18.55 6.77 8.26
C TYR A 62 19.92 6.13 8.51
N LYS A 63 19.89 4.89 8.97
CA LYS A 63 21.17 4.11 9.17
C LYS A 63 20.89 2.85 8.37
N ALA A 64 21.93 2.19 7.99
CA ALA A 64 21.84 0.94 7.23
C ALA A 64 22.81 -0.09 7.79
N SER A 65 22.47 -1.36 7.70
CA SER A 65 23.40 -2.37 8.17
C SER A 65 23.21 -3.57 7.21
N ARG A 66 24.36 -4.21 6.95
CA ARG A 66 24.46 -5.37 6.06
C ARG A 66 25.17 -6.46 6.86
N PRO A 67 24.38 -7.17 7.64
CA PRO A 67 24.95 -8.19 8.53
C PRO A 67 25.34 -9.44 7.80
N SER A 68 24.90 -9.68 6.57
CA SER A 68 25.27 -10.89 5.85
C SER A 68 25.08 -10.56 4.39
N GLN A 69 25.40 -11.48 3.53
CA GLN A 69 25.21 -11.30 2.11
C GLN A 69 23.72 -11.13 1.76
N GLU A 70 22.83 -11.86 2.40
CA GLU A 70 21.42 -11.91 2.17
C GLU A 70 20.50 -10.78 2.69
N GLN A 71 20.93 -10.19 3.80
CA GLN A 71 20.17 -9.15 4.47
C GLN A 71 20.69 -7.72 4.44
N PHE A 72 19.76 -6.80 4.19
CA PHE A 72 20.10 -5.37 4.15
C PHE A 72 19.00 -4.62 4.92
N SER A 73 19.35 -4.05 6.06
CA SER A 73 18.38 -3.33 6.88
C SER A 73 18.51 -1.82 6.86
N LEU A 74 17.36 -1.19 6.96
CA LEU A 74 17.22 0.25 7.01
C LEU A 74 16.68 0.61 8.41
N ILE A 75 17.38 1.42 9.14
CA ILE A 75 16.99 1.79 10.49
C ILE A 75 16.67 3.26 10.66
N LEU A 76 15.53 3.57 11.23
CA LEU A 76 15.04 4.94 11.48
C LEU A 76 15.06 5.03 13.03
N GLU A 77 16.08 5.71 13.51
CA GLU A 77 16.24 5.89 14.95
C GLU A 77 15.13 6.71 15.58
N LEU A 78 14.73 7.82 15.01
CA LEU A 78 13.67 8.64 15.61
C LEU A 78 12.80 9.09 14.41
N ALA A 79 11.83 8.25 14.14
CA ALA A 79 10.97 8.47 12.98
C ALA A 79 10.29 9.80 12.99
N THR A 80 10.24 10.46 11.84
CA THR A 80 9.58 11.74 11.61
C THR A 80 8.57 11.62 10.45
N PRO A 81 7.55 12.47 10.51
CA PRO A 81 6.51 12.51 9.50
C PRO A 81 7.06 12.55 8.07
N SER A 82 8.19 13.19 7.87
CA SER A 82 8.86 13.36 6.63
C SER A 82 9.38 12.03 6.05
N GLN A 83 9.36 11.00 6.87
CA GLN A 83 9.83 9.65 6.49
C GLN A 83 8.66 8.79 6.04
N THR A 84 7.47 9.40 6.08
CA THR A 84 6.28 8.68 5.54
C THR A 84 6.55 8.48 4.02
N SER A 85 6.61 7.26 3.50
CA SER A 85 6.93 7.03 2.09
C SER A 85 6.75 5.56 1.77
N VAL A 86 7.08 5.18 0.55
CA VAL A 86 6.98 3.76 0.16
C VAL A 86 8.43 3.39 -0.03
N TYR A 87 8.93 2.41 0.69
CA TYR A 87 10.34 2.02 0.59
C TYR A 87 10.58 0.80 -0.30
N PHE A 88 11.62 0.86 -1.14
CA PHE A 88 11.92 -0.28 -2.00
C PHE A 88 13.35 -0.77 -1.78
N CYS A 89 13.55 -2.06 -1.67
CA CYS A 89 14.84 -2.66 -1.54
C CYS A 89 15.11 -3.23 -2.96
N ALA A 90 16.37 -3.38 -3.30
CA ALA A 90 16.78 -3.99 -4.56
C ALA A 90 18.11 -4.68 -4.34
N SER A 91 18.41 -5.68 -5.11
CA SER A 91 19.64 -6.40 -5.09
C SER A 91 20.13 -6.38 -6.54
N GLY A 92 21.42 -6.63 -6.64
CA GLY A 92 21.94 -6.70 -7.97
C GLY A 92 23.30 -6.21 -8.32
N GLY A 93 23.14 -5.47 -9.43
CA GLY A 93 24.24 -4.84 -10.10
C GLY A 93 24.54 -3.46 -9.57
N GLY A 94 25.26 -2.69 -10.34
CA GLY A 94 25.71 -1.37 -10.11
C GLY A 94 24.65 -0.33 -9.82
N ARG A 95 25.18 0.63 -9.04
CA ARG A 95 24.46 1.82 -8.59
C ARG A 95 23.97 2.49 -9.86
N GLY A 96 22.70 2.75 -10.06
CA GLY A 96 22.16 3.42 -11.25
C GLY A 96 21.99 2.57 -12.50
N SER A 97 22.50 1.36 -12.43
CA SER A 97 22.42 0.37 -13.49
C SER A 97 21.16 -0.43 -13.12
N TYR A 98 20.02 0.13 -13.46
CA TYR A 98 18.74 -0.51 -13.16
C TYR A 98 18.44 -1.80 -13.90
N ALA A 99 19.02 -1.97 -15.06
CA ALA A 99 18.81 -3.17 -15.86
C ALA A 99 19.31 -4.43 -15.12
N GLU A 100 20.24 -4.24 -14.21
CA GLU A 100 20.88 -5.27 -13.40
C GLU A 100 20.32 -5.43 -12.00
N GLN A 101 19.33 -4.63 -11.61
CA GLN A 101 18.71 -4.69 -10.27
C GLN A 101 17.36 -5.38 -10.23
N PHE A 102 17.03 -6.03 -9.14
CA PHE A 102 15.80 -6.78 -8.92
C PHE A 102 15.16 -6.16 -7.68
N PHE A 103 14.03 -5.63 -7.79
CA PHE A 103 13.40 -4.86 -6.74
C PHE A 103 12.47 -5.69 -5.86
N GLY A 104 12.34 -5.33 -4.58
CA GLY A 104 11.43 -5.98 -3.67
C GLY A 104 10.03 -5.34 -3.98
N PRO A 105 9.03 -5.87 -3.27
CA PRO A 105 7.64 -5.42 -3.47
C PRO A 105 7.29 -4.08 -2.88
N GLY A 106 8.17 -3.55 -2.02
CA GLY A 106 7.88 -2.25 -1.38
C GLY A 106 7.20 -2.41 -0.02
N THR A 107 7.41 -1.39 0.77
CA THR A 107 6.89 -1.25 2.13
C THR A 107 6.35 0.15 2.32
N ARG A 108 5.11 0.24 2.80
CA ARG A 108 4.43 1.47 3.06
C ARG A 108 4.68 1.75 4.56
N LEU A 109 5.30 2.88 4.77
CA LEU A 109 5.59 3.28 6.17
C LEU A 109 4.99 4.64 6.37
N THR A 110 4.09 4.77 7.34
CA THR A 110 3.46 6.02 7.67
C THR A 110 3.78 6.37 9.13
N VAL A 111 4.42 7.48 9.35
CA VAL A 111 4.78 7.96 10.68
C VAL A 111 3.71 8.98 11.04
N LEU A 112 2.92 8.68 12.07
CA LEU A 112 1.82 9.55 12.50
C LEU A 112 1.99 10.13 13.89
N GLU A 113 1.23 11.17 14.14
CA GLU A 113 1.32 11.82 15.47
C GLU A 113 0.75 10.93 16.58
N ASP A 114 -0.26 10.16 16.29
CA ASP A 114 -0.89 9.32 17.30
C ASP A 114 -1.57 8.12 16.71
N LEU A 115 -1.40 6.98 17.33
CA LEU A 115 -2.04 5.77 16.80
C LEU A 115 -3.58 5.85 16.74
N ARG A 116 -4.16 6.68 17.56
CA ARG A 116 -5.61 6.77 17.58
C ARG A 116 -6.07 7.35 16.27
N GLN A 117 -5.13 7.80 15.46
CA GLN A 117 -5.48 8.33 14.13
C GLN A 117 -5.82 7.20 13.11
N VAL A 118 -5.48 5.96 13.39
CA VAL A 118 -5.79 4.81 12.55
C VAL A 118 -7.31 4.54 12.51
N THR A 119 -7.94 4.62 11.32
CA THR A 119 -9.35 4.37 11.10
C THR A 119 -9.61 3.59 9.81
N PRO A 120 -10.30 2.46 9.92
CA PRO A 120 -10.61 1.64 8.75
C PRO A 120 -11.64 2.36 7.89
N PRO A 121 -11.75 1.91 6.65
CA PRO A 121 -12.73 2.59 5.80
C PRO A 121 -14.18 2.18 5.90
N LYS A 122 -15.01 3.10 5.35
CA LYS A 122 -16.41 2.86 5.10
C LYS A 122 -16.39 2.41 3.60
N VAL A 123 -16.99 1.32 3.15
CA VAL A 123 -16.96 0.87 1.77
C VAL A 123 -18.40 0.78 1.26
N SER A 124 -18.70 1.43 0.14
CA SER A 124 -20.07 1.40 -0.39
C SER A 124 -20.13 1.15 -1.92
N LEU A 125 -21.29 0.71 -2.39
CA LEU A 125 -21.55 0.41 -3.83
C LEU A 125 -22.66 1.31 -4.35
N PHE A 126 -22.45 1.89 -5.51
CA PHE A 126 -23.44 2.80 -6.13
C PHE A 126 -23.53 2.46 -7.62
N GLU A 127 -24.61 2.88 -8.22
CA GLU A 127 -24.78 2.61 -9.69
C GLU A 127 -24.67 3.99 -10.29
N PRO A 128 -23.83 4.22 -11.27
CA PRO A 128 -23.71 5.57 -11.86
C PRO A 128 -24.87 5.89 -12.80
N SER A 129 -25.24 7.15 -13.04
CA SER A 129 -26.34 7.49 -13.98
C SER A 129 -25.73 7.86 -15.35
N LYS A 130 -26.33 7.22 -16.34
CA LYS A 130 -25.96 7.44 -17.75
C LYS A 130 -26.67 8.74 -18.17
N ALA A 131 -27.75 9.02 -17.48
CA ALA A 131 -28.51 10.23 -17.70
C ALA A 131 -27.63 11.47 -17.61
N GLU A 132 -26.70 11.52 -16.69
CA GLU A 132 -25.79 12.62 -16.41
C GLU A 132 -24.82 13.01 -17.51
N ILE A 133 -24.44 12.12 -18.39
CA ILE A 133 -23.50 12.39 -19.47
C ILE A 133 -23.99 11.99 -20.85
N ALA A 134 -23.47 12.66 -21.86
CA ALA A 134 -23.81 12.45 -23.26
C ALA A 134 -23.11 11.22 -23.82
N ASN A 135 -22.01 10.91 -23.16
CA ASN A 135 -21.23 9.72 -23.58
C ASN A 135 -21.66 8.55 -22.69
N LYS A 136 -21.21 7.38 -23.08
CA LYS A 136 -21.45 6.07 -22.52
C LYS A 136 -21.06 5.67 -21.11
N GLN A 137 -22.07 5.20 -20.41
CA GLN A 137 -22.20 4.64 -19.10
C GLN A 137 -21.71 5.08 -17.72
N LYS A 138 -20.39 5.07 -17.57
CA LYS A 138 -19.69 5.43 -16.32
C LYS A 138 -19.39 4.22 -15.44
N ALA A 139 -19.31 3.05 -16.09
CA ALA A 139 -19.08 1.76 -15.44
C ALA A 139 -20.35 1.22 -14.81
N THR A 140 -20.56 -0.07 -14.73
CA THR A 140 -21.75 -0.65 -14.10
C THR A 140 -21.92 -0.23 -12.63
N LEU A 141 -20.89 -0.60 -11.88
CA LEU A 141 -20.84 -0.31 -10.46
C LEU A 141 -19.63 0.52 -10.10
N VAL A 142 -19.81 1.27 -9.02
CA VAL A 142 -18.79 2.15 -8.46
C VAL A 142 -18.60 1.70 -7.01
N CYS A 143 -17.35 1.54 -6.64
CA CYS A 143 -17.07 1.16 -5.25
C CYS A 143 -16.36 2.35 -4.64
N LEU A 144 -16.82 2.77 -3.46
CA LEU A 144 -16.20 3.91 -2.80
C LEU A 144 -15.76 3.52 -1.39
N ALA A 145 -14.46 3.66 -1.18
CA ALA A 145 -13.87 3.44 0.14
C ALA A 145 -13.50 4.82 0.69
N ARG A 146 -13.91 5.29 1.87
CA ARG A 146 -13.60 6.61 2.41
C ARG A 146 -13.60 6.62 3.92
N GLY A 147 -12.98 7.69 4.38
CA GLY A 147 -12.82 7.96 5.81
C GLY A 147 -11.73 7.03 6.36
N PHE A 148 -10.74 6.58 5.64
CA PHE A 148 -9.77 5.66 6.23
C PHE A 148 -8.45 6.39 6.40
N PHE A 149 -7.62 5.90 7.31
CA PHE A 149 -6.33 6.51 7.54
C PHE A 149 -5.43 5.49 8.27
N PRO A 150 -4.17 5.29 7.92
CA PRO A 150 -3.49 5.90 6.77
C PRO A 150 -3.93 5.24 5.48
N ASP A 151 -3.18 5.44 4.41
CA ASP A 151 -3.59 4.84 3.14
C ASP A 151 -3.07 3.47 2.82
N HIS A 152 -2.96 2.56 3.77
CA HIS A 152 -2.44 1.21 3.52
C HIS A 152 -3.60 0.26 3.25
N VAL A 153 -4.12 0.39 2.01
CA VAL A 153 -5.23 -0.41 1.53
C VAL A 153 -4.99 -1.04 0.17
N GLU A 154 -5.69 -2.14 -0.08
CA GLU A 154 -5.76 -2.90 -1.32
C GLU A 154 -7.26 -3.10 -1.69
N LEU A 155 -7.72 -2.72 -2.90
CA LEU A 155 -9.13 -2.92 -3.24
C LEU A 155 -9.19 -3.99 -4.30
N SER A 156 -10.09 -4.91 -4.22
CA SER A 156 -10.27 -5.98 -5.19
C SER A 156 -11.79 -6.19 -5.40
N TRP A 157 -12.10 -6.73 -6.58
CA TRP A 157 -13.47 -7.03 -6.92
C TRP A 157 -13.59 -8.54 -7.04
N TRP A 158 -14.79 -8.99 -6.70
CA TRP A 158 -15.15 -10.42 -6.76
C TRP A 158 -16.59 -10.57 -7.28
N VAL A 159 -16.75 -11.38 -8.33
CA VAL A 159 -18.07 -11.62 -8.89
C VAL A 159 -18.29 -13.12 -8.74
N ASN A 160 -19.44 -13.46 -8.17
CA ASN A 160 -19.84 -14.84 -7.89
C ASN A 160 -18.73 -15.59 -7.17
N GLY A 161 -18.09 -14.91 -6.20
CA GLY A 161 -17.02 -15.58 -5.50
C GLY A 161 -15.64 -15.68 -6.12
N LYS A 162 -15.30 -15.22 -7.29
CA LYS A 162 -14.00 -15.27 -7.90
C LYS A 162 -13.47 -13.85 -8.07
N GLU A 163 -12.21 -13.62 -7.76
CA GLU A 163 -11.62 -12.29 -7.92
C GLU A 163 -11.55 -12.03 -9.42
N VAL A 164 -11.76 -10.78 -9.74
CA VAL A 164 -11.72 -10.32 -11.14
C VAL A 164 -10.60 -9.36 -11.38
N HIS A 165 -10.19 -9.16 -12.61
CA HIS A 165 -9.10 -8.25 -12.97
C HIS A 165 -9.43 -7.40 -14.20
N SER A 166 -10.33 -7.94 -15.01
CA SER A 166 -10.83 -7.33 -16.22
C SER A 166 -12.12 -6.57 -15.93
N GLY A 167 -12.21 -5.44 -16.63
CA GLY A 167 -13.41 -4.62 -16.43
C GLY A 167 -13.36 -3.79 -15.15
N VAL A 168 -12.18 -3.82 -14.53
CA VAL A 168 -11.96 -3.05 -13.29
C VAL A 168 -11.18 -1.76 -13.48
N SER A 169 -11.63 -0.67 -12.94
CA SER A 169 -10.84 0.57 -13.06
C SER A 169 -10.78 1.28 -11.72
N THR A 170 -9.67 1.03 -11.04
CA THR A 170 -9.37 1.60 -9.73
C THR A 170 -8.54 2.87 -9.78
N ASP A 171 -8.82 3.76 -8.83
CA ASP A 171 -8.03 4.98 -8.71
C ASP A 171 -6.59 4.52 -8.42
N PRO A 172 -5.70 5.16 -9.17
CA PRO A 172 -4.28 4.84 -9.05
C PRO A 172 -3.71 5.08 -7.66
N GLN A 173 -4.18 6.04 -6.91
CA GLN A 173 -3.70 6.34 -5.56
C GLN A 173 -4.86 6.91 -4.74
N ALA A 174 -4.85 6.81 -3.42
CA ALA A 174 -5.89 7.34 -2.56
C ALA A 174 -5.71 8.87 -2.61
N TYR A 175 -6.84 9.52 -2.50
CA TYR A 175 -6.98 10.96 -2.48
C TYR A 175 -7.27 11.37 -1.03
N LYS A 176 -6.52 12.33 -0.55
CA LYS A 176 -6.61 12.88 0.79
C LYS A 176 -7.84 13.80 0.74
N GLU A 177 -8.94 13.23 1.20
CA GLU A 177 -10.19 13.95 1.21
C GLU A 177 -10.22 15.03 2.29
N SER A 178 -9.33 14.91 3.24
CA SER A 178 -9.20 15.84 4.36
C SER A 178 -7.85 15.54 5.08
N ASN A 179 -7.66 16.11 6.30
CA ASN A 179 -6.34 16.08 7.04
C ASN A 179 -5.81 14.70 7.43
N TYR A 180 -6.74 13.86 7.84
CA TYR A 180 -6.56 12.48 8.25
C TYR A 180 -7.78 11.66 7.84
N SER A 181 -7.97 11.85 6.42
CA SER A 181 -8.93 10.96 5.79
C SER A 181 -8.59 10.86 4.31
N TYR A 182 -8.80 9.67 3.78
CA TYR A 182 -8.56 9.27 2.41
C TYR A 182 -9.83 8.68 1.81
N CYS A 183 -9.73 8.79 0.50
CA CYS A 183 -10.81 8.26 -0.35
C CYS A 183 -10.19 7.46 -1.49
N LEU A 184 -10.83 6.40 -1.92
CA LEU A 184 -10.45 5.50 -3.00
C LEU A 184 -11.71 4.94 -3.67
N SER A 185 -11.71 5.05 -5.01
CA SER A 185 -12.86 4.58 -5.81
C SER A 185 -12.34 3.68 -6.95
N SER A 186 -13.24 2.82 -7.35
CA SER A 186 -13.00 1.82 -8.38
C SER A 186 -14.31 1.56 -9.11
N ARG A 187 -14.16 1.32 -10.40
CA ARG A 187 -15.32 1.04 -11.25
C ARG A 187 -15.13 -0.35 -11.85
N LEU A 188 -16.26 -1.03 -11.89
CA LEU A 188 -16.44 -2.36 -12.42
C LEU A 188 -17.45 -2.29 -13.62
N ARG A 189 -17.01 -3.04 -14.63
CA ARG A 189 -17.86 -3.09 -15.84
C ARG A 189 -18.06 -4.57 -16.17
N VAL A 190 -19.33 -4.84 -16.36
CA VAL A 190 -19.89 -6.15 -16.74
C VAL A 190 -21.01 -5.87 -17.78
N SER A 191 -21.47 -6.89 -18.49
CA SER A 191 -22.56 -6.76 -19.47
C SER A 191 -23.87 -6.47 -18.73
N ALA A 192 -24.56 -5.47 -19.25
CA ALA A 192 -25.85 -5.07 -18.65
C ALA A 192 -26.71 -6.29 -18.34
N THR A 193 -26.56 -7.25 -19.24
CA THR A 193 -27.27 -8.53 -19.17
C THR A 193 -26.93 -9.23 -17.86
N PHE A 194 -25.64 -9.26 -17.56
CA PHE A 194 -25.07 -9.90 -16.37
C PHE A 194 -25.54 -9.19 -15.10
N TRP A 195 -25.55 -7.88 -15.05
CA TRP A 195 -25.96 -7.06 -13.93
C TRP A 195 -27.46 -7.19 -13.63
N HIS A 196 -28.16 -7.67 -14.65
CA HIS A 196 -29.61 -7.78 -14.45
C HIS A 196 -30.05 -9.18 -14.09
N ASN A 197 -29.07 -9.99 -13.84
CA ASN A 197 -29.29 -11.37 -13.39
C ASN A 197 -29.15 -11.30 -11.87
N PRO A 198 -30.28 -11.46 -11.22
CA PRO A 198 -30.29 -11.39 -9.73
C PRO A 198 -29.60 -12.57 -9.08
N ARG A 199 -29.07 -13.47 -9.91
CA ARG A 199 -28.34 -14.63 -9.50
C ARG A 199 -26.85 -14.28 -9.35
N ASN A 200 -26.46 -13.18 -9.95
CA ASN A 200 -25.09 -12.68 -9.86
C ASN A 200 -24.84 -11.83 -8.60
N HIS A 201 -23.70 -12.08 -8.01
CA HIS A 201 -23.14 -11.48 -6.79
C HIS A 201 -21.85 -10.71 -7.04
N PHE A 202 -21.83 -9.49 -6.54
CA PHE A 202 -20.71 -8.56 -6.72
C PHE A 202 -20.25 -8.18 -5.33
N ARG A 203 -18.95 -8.17 -5.19
CA ARG A 203 -18.38 -7.81 -3.88
C ARG A 203 -17.18 -6.90 -4.14
N CYS A 204 -17.23 -5.80 -3.41
CA CYS A 204 -16.06 -4.92 -3.51
C CYS A 204 -15.36 -5.10 -2.12
N GLN A 205 -14.08 -5.51 -2.19
CA GLN A 205 -13.35 -5.75 -0.93
C GLN A 205 -12.14 -4.88 -0.73
N VAL A 206 -12.04 -4.28 0.42
CA VAL A 206 -10.85 -3.46 0.75
C VAL A 206 -10.08 -4.04 1.91
N GLN A 207 -8.83 -4.41 1.72
CA GLN A 207 -7.90 -4.92 2.74
C GLN A 207 -7.35 -3.71 3.50
N PHE A 208 -7.50 -3.60 4.82
CA PHE A 208 -6.98 -2.44 5.53
C PHE A 208 -5.80 -2.87 6.42
N HIS A 209 -4.64 -2.27 6.30
CA HIS A 209 -3.51 -2.65 7.17
C HIS A 209 -3.35 -1.54 8.19
N GLY A 210 -3.76 -1.82 9.43
CA GLY A 210 -3.64 -0.76 10.43
C GLY A 210 -2.50 -1.14 11.33
N LEU A 211 -2.88 -1.44 12.57
CA LEU A 211 -1.94 -1.82 13.62
C LEU A 211 -1.35 -3.20 13.36
N SER A 212 -0.08 -3.36 13.74
CA SER A 212 0.53 -4.65 13.59
C SER A 212 0.45 -5.33 14.96
N GLU A 213 1.01 -6.52 14.87
CA GLU A 213 1.15 -7.41 16.02
C GLU A 213 1.82 -6.62 17.16
N GLU A 214 2.99 -6.07 16.80
CA GLU A 214 3.85 -5.30 17.70
C GLU A 214 3.55 -3.85 18.04
N ASP A 215 2.31 -3.44 17.88
CA ASP A 215 1.82 -2.10 18.13
C ASP A 215 0.96 -2.13 19.38
N LYS A 216 1.33 -1.33 20.36
CA LYS A 216 0.61 -1.22 21.63
C LYS A 216 -0.39 -0.08 21.60
N TRP A 217 -1.65 -0.46 21.65
CA TRP A 217 -2.76 0.49 21.59
C TRP A 217 -2.90 1.21 22.93
N PRO A 218 -2.81 2.52 22.88
CA PRO A 218 -2.95 3.33 24.10
C PRO A 218 -4.28 2.97 24.73
N GLU A 219 -4.40 2.74 26.00
CA GLU A 219 -5.61 2.36 26.73
C GLU A 219 -6.57 3.55 26.71
N GLY A 220 -7.87 3.30 26.86
CA GLY A 220 -8.88 4.35 26.85
C GLY A 220 -10.03 4.07 25.89
N SER A 221 -9.68 3.40 24.82
CA SER A 221 -10.59 3.01 23.76
C SER A 221 -10.26 1.54 23.43
N PRO A 222 -11.24 0.96 22.79
CA PRO A 222 -11.18 -0.44 22.31
C PRO A 222 -10.29 -0.33 21.08
N LYS A 223 -9.45 -1.30 20.84
CA LYS A 223 -8.50 -1.29 19.73
C LYS A 223 -9.16 -1.71 18.42
N PRO A 224 -8.88 -0.97 17.36
CA PRO A 224 -9.47 -1.29 16.04
C PRO A 224 -8.71 -2.49 15.57
N VAL A 225 -9.45 -3.50 15.16
CA VAL A 225 -8.87 -4.77 14.69
C VAL A 225 -9.30 -5.22 13.31
N THR A 226 -10.14 -4.37 12.69
CA THR A 226 -10.67 -4.62 11.36
C THR A 226 -9.57 -4.78 10.31
N GLN A 227 -9.68 -5.85 9.51
CA GLN A 227 -8.66 -6.04 8.48
C GLN A 227 -9.28 -6.06 7.09
N ASN A 228 -10.49 -6.59 6.91
CA ASN A 228 -11.07 -6.64 5.56
C ASN A 228 -12.51 -6.14 5.64
N ILE A 229 -12.89 -5.24 4.77
CA ILE A 229 -14.20 -4.62 4.71
C ILE A 229 -14.78 -4.93 3.32
N SER A 230 -16.09 -5.27 3.28
CA SER A 230 -16.61 -5.59 1.95
C SER A 230 -18.01 -5.02 1.86
N ALA A 231 -18.36 -4.63 0.67
CA ALA A 231 -19.66 -4.09 0.30
C ALA A 231 -20.09 -5.03 -0.83
N GLU A 232 -21.29 -5.57 -0.75
CA GLU A 232 -21.87 -6.52 -1.69
C GLU A 232 -23.29 -6.16 -2.14
N ALA A 233 -23.68 -6.64 -3.33
CA ALA A 233 -25.01 -6.39 -3.90
C ALA A 233 -25.27 -7.54 -4.86
N TRP A 234 -26.52 -7.88 -5.10
CA TRP A 234 -26.85 -8.96 -6.04
C TRP A 234 -27.37 -8.27 -7.31
N GLY A 235 -27.46 -8.95 -8.43
CA GLY A 235 -27.94 -8.37 -9.69
C GLY A 235 -29.35 -7.83 -9.60
N ARG A 236 -29.75 -7.04 -10.59
CA ARG A 236 -31.10 -6.44 -10.66
C ARG A 236 -31.78 -7.01 -11.90
N ALA A 237 -33.06 -7.27 -11.86
CA ALA A 237 -33.80 -7.86 -12.98
C ALA A 237 -33.95 -6.96 -14.19
N ASP A 238 -33.87 -7.64 -15.31
CA ASP A 238 -33.91 -7.23 -16.69
C ASP A 238 -35.22 -7.25 -17.48
#